data_2FF3
#
_entry.id   2FF3
#
_cell.length_a   56.996
_cell.length_b   69.347
_cell.length_c   179.868
_cell.angle_alpha   90.00
_cell.angle_beta   90.00
_cell.angle_gamma   90.00
#
_symmetry.space_group_name_H-M   'P 21 21 21'
#
loop_
_entity.id
_entity.type
_entity.pdbx_description
1 polymer Gelsolin
2 polymer 'Neural Wiskott-Aldrich syndrome protein'
3 polymer 'Actin, alpha skeletal muscle'
4 non-polymer 'CALCIUM ION'
5 non-polymer "ADENOSINE-5'-TRIPHOSPHATE"
6 water water
#
loop_
_entity_poly.entity_id
_entity_poly.type
_entity_poly.pdbx_seq_one_letter_code
_entity_poly.pdbx_strand_id
1 'polypeptide(L)'
;MKHHHHHHHHGGLVPRGSHGGSMVVEHPEFLKAGKEPGLQIWRVEKFDLVPVPTNLYGDFFTGDAYVILKTVQLRNGNLQ
YDLHYWLGNECSQDESGAAAIFTVQLDDYLNGRAVQHREVQGFESATFLGYFKSGLKYKKGGVASGFKHV
;
A
2 'polypeptide(L)' ADGQESTPPTPAPTS C
3 'polypeptide(L)'
;DEDETTALVCDNGSGLVKAGFAGDDAPRAVFPSIVGRPRHQGVMVGMGQKDSYVGDEAQSKRGILTLKYPIEHGIITNWD
DMEKIWHHTFYNELRVAPEEHPTLLTEAPLNPKANREKMTQIMFETFNVPAMYVAIQAVLSLYASGRTTGIVLDSGDGVT
HNVPIYEGYALPHAIMRLDLAGRDLTDYLMKILTERGYSFVTTAEREIVRDIKEKLCYVALDFENEMATAASSSSLEKSY
ELPDGQVITIGNERFRCPETLFQPSFIGMESAGIHETTYNSIMKCDIDIRKDLYANNVMSGGTTMYPGIADRMQKEITAL
APSTMKIKIIAPPERKYSVWIGGSILASLSTFQQMWITKQEYDEAGPSIVHRKCF
;
B
#
loop_
_chem_comp.id
_chem_comp.type
_chem_comp.name
_chem_comp.formula
ATP non-polymer ADENOSINE-5'-TRIPHOSPHATE 'C10 H16 N5 O13 P3'
CA non-polymer 'CALCIUM ION' 'Ca 2'
#
# COMPACT_ATOMS: atom_id res chain seq x y z
N GLU A 26 11.78 -22.40 -10.22
CA GLU A 26 10.95 -23.59 -10.59
C GLU A 26 9.90 -23.27 -11.66
N HIS A 27 9.58 -21.99 -11.84
CA HIS A 27 8.78 -21.57 -12.99
C HIS A 27 9.59 -21.81 -14.27
N PRO A 28 8.97 -22.47 -15.26
CA PRO A 28 9.67 -22.81 -16.51
C PRO A 28 10.49 -21.65 -17.11
N GLU A 29 9.93 -20.44 -17.11
CA GLU A 29 10.58 -19.29 -17.72
C GLU A 29 11.76 -18.76 -16.90
N PHE A 30 11.69 -18.94 -15.58
CA PHE A 30 12.82 -18.61 -14.70
C PHE A 30 14.05 -19.46 -15.04
N LEU A 31 13.81 -20.76 -15.25
CA LEU A 31 14.87 -21.69 -15.65
C LEU A 31 15.56 -21.25 -16.95
N LYS A 32 14.79 -20.64 -17.86
CA LYS A 32 15.30 -20.20 -19.15
C LYS A 32 15.91 -18.79 -19.14
N ALA A 33 15.68 -18.04 -18.07
CA ALA A 33 16.11 -16.63 -17.98
C ALA A 33 17.62 -16.45 -17.81
N GLY A 34 18.22 -15.67 -18.72
CA GLY A 34 19.60 -15.23 -18.61
C GLY A 34 20.66 -16.31 -18.68
N LYS A 35 20.44 -17.32 -19.53
CA LYS A 35 21.39 -18.43 -19.69
C LYS A 35 22.53 -18.06 -20.63
N GLU A 36 22.24 -17.21 -21.60
CA GLU A 36 23.23 -16.75 -22.58
C GLU A 36 23.03 -15.27 -22.91
N PRO A 37 24.06 -14.61 -23.45
CA PRO A 37 23.92 -13.23 -23.94
C PRO A 37 22.78 -13.07 -24.94
N GLY A 38 22.12 -11.92 -24.90
CA GLY A 38 20.98 -11.64 -25.77
C GLY A 38 19.85 -10.93 -25.05
N LEU A 39 18.68 -10.94 -25.69
CA LEU A 39 17.48 -10.26 -25.18
C LEU A 39 16.32 -11.24 -25.04
N GLN A 40 15.67 -11.18 -23.88
CA GLN A 40 14.48 -11.99 -23.60
C GLN A 40 13.32 -11.08 -23.21
N ILE A 41 12.14 -11.34 -23.77
CA ILE A 41 10.96 -10.54 -23.48
C ILE A 41 9.80 -11.45 -23.09
N TRP A 42 9.12 -11.10 -22.00
CA TRP A 42 7.90 -11.78 -21.58
C TRP A 42 6.76 -10.76 -21.46
N ARG A 43 5.54 -11.22 -21.67
CA ARG A 43 4.36 -10.39 -21.43
C ARG A 43 3.63 -10.91 -20.20
N VAL A 44 3.19 -9.98 -19.35
CA VAL A 44 2.29 -10.33 -18.25
C VAL A 44 0.92 -10.68 -18.85
N GLU A 45 0.52 -11.93 -18.67
CA GLU A 45 -0.77 -12.41 -19.15
C GLU A 45 -1.49 -13.12 -18.01
N LYS A 46 -2.52 -12.46 -17.48
CA LYS A 46 -3.36 -12.98 -16.40
C LYS A 46 -2.58 -13.63 -15.23
N PHE A 47 -1.72 -12.82 -14.63
CA PHE A 47 -0.89 -13.20 -13.47
C PHE A 47 0.20 -14.22 -13.77
N ASP A 48 0.56 -14.36 -15.05
CA ASP A 48 1.63 -15.27 -15.47
C ASP A 48 2.64 -14.54 -16.35
N LEU A 49 3.87 -15.07 -16.42
CA LEU A 49 4.89 -14.57 -17.34
C LEU A 49 4.94 -15.43 -18.59
N VAL A 50 4.53 -14.88 -19.73
CA VAL A 50 4.44 -15.63 -20.99
C VAL A 50 5.45 -15.08 -22.01
N PRO A 51 6.30 -15.95 -22.56
CA PRO A 51 7.29 -15.53 -23.54
C PRO A 51 6.67 -14.90 -24.78
N VAL A 52 7.29 -13.83 -25.27
CA VAL A 52 6.89 -13.19 -26.53
C VAL A 52 7.65 -13.88 -27.67
N PRO A 53 6.94 -14.25 -28.74
CA PRO A 53 7.60 -14.77 -29.94
C PRO A 53 8.72 -13.85 -30.38
N THR A 54 9.88 -14.42 -30.69
CA THR A 54 11.09 -13.66 -31.03
C THR A 54 10.89 -12.76 -32.26
N ASN A 55 10.03 -13.19 -33.19
CA ASN A 55 9.73 -12.40 -34.38
C ASN A 55 8.88 -11.15 -34.07
N LEU A 56 8.25 -11.14 -32.90
CA LEU A 56 7.40 -10.02 -32.50
C LEU A 56 8.06 -9.05 -31.50
N TYR A 57 9.38 -9.19 -31.33
CA TYR A 57 10.17 -8.31 -30.46
C TYR A 57 10.17 -6.86 -30.96
N GLY A 58 9.82 -5.93 -30.07
CA GLY A 58 9.85 -4.51 -30.40
C GLY A 58 8.48 -3.90 -30.65
N ASP A 59 7.49 -4.74 -30.91
CA ASP A 59 6.11 -4.30 -31.13
C ASP A 59 5.30 -4.44 -29.84
N PHE A 60 5.18 -3.35 -29.09
CA PHE A 60 4.55 -3.38 -27.79
C PHE A 60 3.07 -2.97 -27.83
N PHE A 61 2.21 -3.82 -27.27
CA PHE A 61 0.81 -3.45 -27.01
C PHE A 61 0.75 -2.42 -25.89
N THR A 62 0.11 -1.28 -26.15
CA THR A 62 0.04 -0.21 -25.15
C THR A 62 -0.95 -0.52 -24.02
N GLY A 63 -1.75 -1.57 -24.18
CA GLY A 63 -2.69 -1.99 -23.14
C GLY A 63 -2.11 -3.06 -22.23
N ASP A 64 -0.82 -3.34 -22.38
CA ASP A 64 -0.16 -4.45 -21.69
C ASP A 64 1.15 -4.03 -21.00
N ALA A 65 1.66 -4.92 -20.15
CA ALA A 65 2.95 -4.74 -19.49
C ALA A 65 3.88 -5.90 -19.83
N TYR A 66 5.17 -5.61 -19.91
CA TYR A 66 6.17 -6.59 -20.29
C TYR A 66 7.37 -6.58 -19.33
N VAL A 67 8.08 -7.70 -19.27
CA VAL A 67 9.36 -7.80 -18.57
C VAL A 67 10.44 -8.12 -19.61
N ILE A 68 11.51 -7.33 -19.59
CA ILE A 68 12.60 -7.44 -20.54
C ILE A 68 13.92 -7.69 -19.81
N LEU A 69 14.62 -8.77 -20.16
CA LEU A 69 15.93 -9.05 -19.62
C LEU A 69 17.01 -8.99 -20.70
N LYS A 70 17.96 -8.08 -20.53
CA LYS A 70 19.14 -8.00 -21.39
C LYS A 70 20.34 -8.63 -20.69
N THR A 71 20.89 -9.66 -21.31
CA THR A 71 22.04 -10.40 -20.79
C THR A 71 23.28 -10.11 -21.64
N VAL A 72 24.35 -9.66 -20.98
CA VAL A 72 25.59 -9.26 -21.65
C VAL A 72 26.75 -10.12 -21.13
N GLN A 73 27.58 -10.64 -22.04
CA GLN A 73 28.77 -11.39 -21.67
C GLN A 73 29.77 -10.50 -20.96
N LEU A 74 30.13 -10.88 -19.75
CA LEU A 74 31.19 -10.19 -19.04
C LEU A 74 32.54 -10.83 -19.38
N ARG A 75 33.56 -9.97 -19.42
CA ARG A 75 34.94 -10.41 -19.65
C ARG A 75 35.35 -11.42 -18.60
N ASN A 76 34.79 -11.28 -17.39
CA ASN A 76 35.07 -12.19 -16.29
C ASN A 76 34.46 -13.60 -16.39
N GLY A 77 33.74 -13.87 -17.48
CA GLY A 77 33.07 -15.16 -17.68
C GLY A 77 31.60 -15.13 -17.26
N ASN A 78 31.29 -14.32 -16.24
CA ASN A 78 29.94 -14.13 -15.75
C ASN A 78 29.04 -13.42 -16.76
N LEU A 79 27.79 -13.20 -16.37
CA LEU A 79 26.82 -12.48 -17.19
C LEU A 79 26.25 -11.28 -16.44
N GLN A 80 26.09 -10.19 -17.17
CA GLN A 80 25.51 -8.96 -16.64
C GLN A 80 24.02 -8.94 -16.97
N TYR A 81 23.20 -8.57 -15.99
CA TYR A 81 21.75 -8.59 -16.14
C TYR A 81 21.10 -7.22 -15.92
N ASP A 82 20.31 -6.77 -16.89
CA ASP A 82 19.43 -5.61 -16.71
C ASP A 82 17.98 -6.02 -16.95
N LEU A 83 17.16 -5.88 -15.92
CA LEU A 83 15.73 -6.17 -16.01
C LEU A 83 14.96 -4.87 -16.17
N HIS A 84 14.13 -4.81 -17.21
CA HIS A 84 13.30 -3.63 -17.48
C HIS A 84 11.84 -4.07 -17.49
N TYR A 85 11.00 -3.43 -16.68
CA TYR A 85 9.58 -3.69 -16.77
C TYR A 85 8.89 -2.53 -17.48
N TRP A 86 8.25 -2.85 -18.60
CA TRP A 86 7.69 -1.85 -19.50
C TRP A 86 6.19 -1.74 -19.29
N LEU A 87 5.72 -0.53 -19.04
CA LEU A 87 4.31 -0.32 -18.70
C LEU A 87 3.58 0.51 -19.76
N GLY A 88 2.65 -0.15 -20.45
CA GLY A 88 1.83 0.48 -21.48
C GLY A 88 0.84 1.46 -20.87
N ASN A 89 0.56 2.55 -21.60
CA ASN A 89 -0.34 3.60 -21.12
C ASN A 89 -1.71 3.11 -20.64
N GLU A 90 -2.21 2.04 -21.27
CA GLU A 90 -3.53 1.51 -20.93
C GLU A 90 -3.50 0.15 -20.20
N CYS A 91 -2.33 -0.26 -19.70
CA CYS A 91 -2.25 -1.53 -18.98
C CYS A 91 -2.99 -1.45 -17.64
N SER A 92 -3.57 -2.57 -17.21
CA SER A 92 -4.36 -2.59 -15.98
C SER A 92 -3.47 -2.73 -14.75
N GLN A 93 -4.00 -2.36 -13.59
CA GLN A 93 -3.23 -2.38 -12.34
C GLN A 93 -2.61 -3.76 -12.00
N ASP A 94 -3.35 -4.83 -12.29
CA ASP A 94 -2.83 -6.19 -12.09
C ASP A 94 -1.60 -6.48 -12.97
N GLU A 95 -1.56 -5.88 -14.16
CA GLU A 95 -0.47 -6.10 -15.11
C GLU A 95 0.78 -5.34 -14.71
N SER A 96 0.62 -4.07 -14.32
CA SER A 96 1.76 -3.25 -13.91
C SER A 96 2.30 -3.74 -12.58
N GLY A 97 1.40 -4.10 -11.66
CA GLY A 97 1.76 -4.71 -10.38
C GLY A 97 2.53 -6.01 -10.56
N ALA A 98 2.00 -6.91 -11.40
CA ALA A 98 2.67 -8.19 -11.67
C ALA A 98 4.04 -8.01 -12.33
N ALA A 99 4.13 -7.09 -13.29
CA ALA A 99 5.40 -6.82 -14.00
C ALA A 99 6.49 -6.41 -13.02
N ALA A 100 6.13 -5.54 -12.07
CA ALA A 100 7.03 -5.12 -11.00
C ALA A 100 7.43 -6.28 -10.08
N ILE A 101 6.47 -7.08 -9.63
CA ILE A 101 6.76 -8.19 -8.72
C ILE A 101 7.62 -9.27 -9.42
N PHE A 102 7.23 -9.65 -10.64
CA PHE A 102 8.02 -10.57 -11.45
C PHE A 102 9.48 -10.11 -11.60
N THR A 103 9.67 -8.81 -11.74
CA THR A 103 11.01 -8.21 -11.85
C THR A 103 11.83 -8.49 -10.58
N VAL A 104 11.25 -8.18 -9.43
CA VAL A 104 11.86 -8.48 -8.12
C VAL A 104 12.20 -9.98 -8.00
N GLN A 105 11.25 -10.84 -8.35
CA GLN A 105 11.42 -12.30 -8.23
C GLN A 105 12.50 -12.85 -9.16
N LEU A 106 12.55 -12.33 -10.38
CA LEU A 106 13.56 -12.72 -11.36
C LEU A 106 14.95 -12.26 -10.90
N ASP A 107 15.02 -11.05 -10.37
CA ASP A 107 16.26 -10.48 -9.83
C ASP A 107 16.76 -11.34 -8.67
N ASP A 108 15.88 -11.64 -7.72
CA ASP A 108 16.20 -12.57 -6.62
C ASP A 108 16.69 -13.91 -7.14
N TYR A 109 16.00 -14.46 -8.14
CA TYR A 109 16.37 -15.74 -8.76
C TYR A 109 17.79 -15.68 -9.34
N LEU A 110 18.17 -14.52 -9.87
CA LEU A 110 19.52 -14.31 -10.41
C LEU A 110 20.49 -13.80 -9.34
N ASN A 111 20.22 -14.17 -8.08
CA ASN A 111 21.08 -13.85 -6.94
C ASN A 111 21.29 -12.35 -6.68
N GLY A 112 20.26 -11.57 -7.02
CA GLY A 112 20.28 -10.12 -6.78
C GLY A 112 21.10 -9.33 -7.79
N ARG A 113 21.67 -10.01 -8.78
CA ARG A 113 22.68 -9.39 -9.64
C ARG A 113 22.12 -8.49 -10.76
N ALA A 114 20.81 -8.58 -11.00
CA ALA A 114 20.20 -7.72 -12.02
C ALA A 114 19.99 -6.30 -11.51
N VAL A 115 20.11 -5.34 -12.41
CA VAL A 115 19.74 -3.96 -12.12
C VAL A 115 18.34 -3.75 -12.70
N GLN A 116 17.44 -3.23 -11.87
CA GLN A 116 16.02 -3.10 -12.21
C GLN A 116 15.70 -1.71 -12.75
N HIS A 117 14.90 -1.66 -13.82
CA HIS A 117 14.53 -0.41 -14.49
C HIS A 117 13.03 -0.37 -14.77
N ARG A 118 12.37 0.70 -14.35
CA ARG A 118 10.96 0.94 -14.67
C ARG A 118 10.89 1.74 -15.96
N GLU A 119 10.23 1.19 -16.98
CA GLU A 119 10.14 1.84 -18.29
C GLU A 119 8.70 2.16 -18.64
N VAL A 120 8.37 3.45 -18.68
CA VAL A 120 7.03 3.90 -18.97
C VAL A 120 6.91 4.33 -20.43
N GLN A 121 5.88 3.84 -21.12
CA GLN A 121 5.60 4.22 -22.50
C GLN A 121 5.79 5.72 -22.70
N GLY A 122 6.60 6.09 -23.70
CA GLY A 122 6.86 7.50 -24.02
C GLY A 122 7.96 8.14 -23.20
N PHE A 123 8.54 7.38 -22.28
CA PHE A 123 9.59 7.89 -21.39
C PHE A 123 10.70 6.87 -21.15
N GLU A 124 10.84 5.92 -22.07
CA GLU A 124 11.84 4.85 -21.94
C GLU A 124 13.26 5.41 -21.98
N SER A 125 14.15 4.77 -21.22
CA SER A 125 15.56 5.15 -21.17
C SER A 125 16.25 4.91 -22.51
N ALA A 126 17.32 5.66 -22.76
CA ALA A 126 18.15 5.49 -23.96
C ALA A 126 18.66 4.06 -24.13
N THR A 127 19.12 3.42 -23.05
CA THR A 127 19.63 2.05 -23.15
C THR A 127 18.55 1.04 -23.53
N PHE A 128 17.35 1.20 -22.96
CA PHE A 128 16.21 0.34 -23.32
C PHE A 128 15.86 0.47 -24.80
N LEU A 129 15.70 1.72 -25.26
CA LEU A 129 15.41 1.99 -26.66
C LEU A 129 16.51 1.44 -27.57
N GLY A 130 17.75 1.47 -27.06
CA GLY A 130 18.90 0.89 -27.75
C GLY A 130 18.85 -0.61 -28.06
N TYR A 131 18.01 -1.36 -27.32
CA TYR A 131 17.94 -2.81 -27.49
C TYR A 131 17.27 -3.23 -28.80
N PHE A 132 16.51 -2.32 -29.39
CA PHE A 132 15.72 -2.62 -30.57
C PHE A 132 16.31 -1.91 -31.78
N LYS A 133 17.04 -2.66 -32.59
CA LYS A 133 17.87 -2.09 -33.65
C LYS A 133 17.07 -1.41 -34.78
N SER A 134 15.84 -1.87 -35.00
CA SER A 134 14.97 -1.22 -36.00
C SER A 134 13.97 -0.26 -35.35
N GLY A 135 14.19 0.05 -34.08
CA GLY A 135 13.33 0.98 -33.35
C GLY A 135 12.08 0.31 -32.83
N LEU A 136 11.74 0.60 -31.58
CA LEU A 136 10.55 0.05 -30.94
C LEU A 136 9.29 0.75 -31.45
N LYS A 137 8.20 0.00 -31.57
CA LYS A 137 6.93 0.60 -31.97
C LYS A 137 5.78 0.23 -31.04
N TYR A 138 4.77 1.10 -31.01
CA TYR A 138 3.60 0.89 -30.17
C TYR A 138 2.42 0.46 -31.02
N LYS A 139 1.57 -0.39 -30.45
CA LYS A 139 0.28 -0.72 -31.05
C LYS A 139 -0.80 -0.75 -29.97
N LYS A 140 -1.99 -0.25 -30.32
CA LYS A 140 -3.12 -0.23 -29.39
C LYS A 140 -3.62 -1.64 -29.13
N GLY A 141 -4.15 -1.87 -27.94
CA GLY A 141 -4.76 -3.17 -27.61
C GLY A 141 -3.95 -3.99 -26.62
N GLY A 142 -4.31 -5.27 -26.49
CA GLY A 142 -3.61 -6.17 -25.59
C GLY A 142 -4.49 -7.25 -24.97
N VAL A 143 -3.89 -8.03 -24.08
CA VAL A 143 -4.59 -9.09 -23.35
C VAL A 143 -5.44 -8.50 -22.21
N ALA A 144 -6.58 -9.12 -21.93
CA ALA A 144 -7.50 -8.67 -20.90
C ALA A 144 -6.91 -8.81 -19.49
N SER A 145 -7.42 -7.98 -18.58
CA SER A 145 -7.03 -7.99 -17.17
C SER A 145 -7.27 -9.35 -16.52
N GLY A 146 -6.42 -9.70 -15.56
CA GLY A 146 -6.58 -10.93 -14.79
C GLY A 146 -7.54 -10.77 -13.63
N PHE A 147 -7.81 -9.51 -13.25
CA PHE A 147 -8.68 -9.20 -12.11
C PHE A 147 -10.13 -9.64 -12.33
N LYS A 148 -10.74 -10.14 -11.27
CA LYS A 148 -12.20 -10.24 -11.19
C LYS A 148 -12.72 -8.93 -10.62
N HIS A 149 -13.72 -8.36 -11.27
CA HIS A 149 -14.25 -7.05 -10.87
C HIS A 149 -15.26 -7.17 -9.74
N VAL A 150 -15.02 -6.40 -8.68
CA VAL A 150 -15.93 -6.31 -7.54
C VAL A 150 -16.87 -5.12 -7.78
N ALA B 1 -18.11 -5.41 -8.15
CA ALA B 1 -19.08 -4.37 -8.49
C ALA B 1 -20.03 -4.08 -7.34
N ASP B 2 -20.69 -2.92 -7.41
CA ASP B 2 -21.79 -2.57 -6.51
C ASP B 2 -22.84 -3.69 -6.50
N GLY B 3 -22.99 -4.32 -5.34
CA GLY B 3 -23.93 -5.42 -5.17
C GLY B 3 -23.26 -6.63 -4.56
N THR C 6 -8.78 -20.90 -4.23
CA THR C 6 -8.64 -19.42 -4.16
C THR C 6 -8.04 -18.96 -2.84
N ALA C 7 -7.00 -18.13 -2.92
CA ALA C 7 -6.36 -17.59 -1.73
C ALA C 7 -7.15 -16.42 -1.14
N LEU C 8 -6.96 -16.19 0.16
CA LEU C 8 -7.57 -15.04 0.84
C LEU C 8 -6.52 -13.98 1.17
N VAL C 9 -6.97 -12.73 1.20
CA VAL C 9 -6.09 -11.62 1.55
C VAL C 9 -6.75 -10.81 2.66
N CYS C 10 -6.07 -10.73 3.80
CA CYS C 10 -6.55 -9.98 4.94
C CYS C 10 -5.56 -8.89 5.34
N ASP C 11 -6.01 -7.64 5.27
CA ASP C 11 -5.19 -6.50 5.66
C ASP C 11 -5.76 -5.86 6.93
N ASN C 12 -5.13 -6.18 8.06
CA ASN C 12 -5.60 -5.73 9.38
C ASN C 12 -4.96 -4.41 9.79
N GLY C 13 -5.79 -3.39 9.96
CA GLY C 13 -5.32 -2.09 10.41
C GLY C 13 -5.81 -1.74 11.80
N SER C 14 -5.31 -0.63 12.33
CA SER C 14 -5.68 -0.11 13.65
C SER C 14 -7.17 0.25 13.73
N GLY C 15 -7.72 0.75 12.63
CA GLY C 15 -9.11 1.18 12.58
C GLY C 15 -10.02 0.31 11.76
N LEU C 16 -9.50 -0.24 10.65
CA LEU C 16 -10.30 -0.99 9.68
C LEU C 16 -9.64 -2.29 9.24
N VAL C 17 -10.46 -3.34 9.12
CA VAL C 17 -10.06 -4.59 8.49
C VAL C 17 -10.49 -4.53 7.03
N LYS C 18 -9.56 -4.88 6.13
CA LYS C 18 -9.85 -4.98 4.71
C LYS C 18 -9.58 -6.43 4.31
N ALA C 19 -10.60 -7.15 3.89
CA ALA C 19 -10.45 -8.57 3.58
C ALA C 19 -11.15 -8.97 2.29
N GLY C 20 -10.65 -10.02 1.65
CA GLY C 20 -11.21 -10.47 0.39
C GLY C 20 -10.50 -11.67 -0.21
N PHE C 21 -10.70 -11.83 -1.52
CA PHE C 21 -10.18 -12.96 -2.28
C PHE C 21 -9.10 -12.50 -3.23
N ALA C 22 -7.97 -13.23 -3.25
CA ALA C 22 -6.88 -12.97 -4.20
C ALA C 22 -7.41 -13.04 -5.62
N GLY C 23 -7.01 -12.09 -6.46
CA GLY C 23 -7.50 -12.02 -7.82
C GLY C 23 -8.69 -11.10 -8.03
N ASP C 24 -9.31 -10.66 -6.94
CA ASP C 24 -10.34 -9.63 -7.00
C ASP C 24 -9.64 -8.26 -7.03
N ASP C 25 -10.25 -7.27 -7.68
CA ASP C 25 -9.68 -5.91 -7.72
C ASP C 25 -9.90 -5.04 -6.47
N ALA C 26 -10.68 -5.56 -5.51
CA ALA C 26 -10.98 -4.85 -4.26
C ALA C 26 -11.37 -5.81 -3.14
N PRO C 27 -11.18 -5.39 -1.88
CA PRO C 27 -11.65 -6.19 -0.75
C PRO C 27 -13.17 -6.22 -0.72
N ARG C 28 -13.75 -7.37 -0.46
CA ARG C 28 -15.21 -7.50 -0.38
C ARG C 28 -15.73 -7.15 1.01
N ALA C 29 -14.86 -7.20 2.01
CA ALA C 29 -15.22 -6.88 3.38
C ALA C 29 -14.33 -5.78 3.94
N VAL C 30 -14.95 -4.67 4.38
CA VAL C 30 -14.24 -3.60 5.06
C VAL C 30 -15.07 -3.21 6.27
N PHE C 31 -14.50 -3.34 7.47
CA PHE C 31 -15.24 -3.12 8.71
C PHE C 31 -14.33 -2.68 9.88
N PRO C 32 -14.90 -1.97 10.86
CA PRO C 32 -14.13 -1.51 12.02
C PRO C 32 -13.46 -2.65 12.78
N SER C 33 -12.19 -2.41 13.15
CA SER C 33 -11.37 -3.38 13.85
C SER C 33 -11.62 -3.24 15.35
N ILE C 34 -12.82 -3.67 15.77
CA ILE C 34 -13.30 -3.50 17.14
C ILE C 34 -13.95 -4.78 17.64
N VAL C 35 -13.64 -5.16 18.88
CA VAL C 35 -14.27 -6.30 19.54
C VAL C 35 -14.97 -5.81 20.82
N GLY C 36 -16.25 -6.14 20.95
CA GLY C 36 -17.03 -5.77 22.13
C GLY C 36 -17.40 -6.99 22.97
N ARG C 37 -17.33 -6.83 24.29
CA ARG C 37 -17.66 -7.90 25.23
C ARG C 37 -18.60 -7.39 26.34
N PRO C 38 -19.56 -8.22 26.75
CA PRO C 38 -20.65 -7.80 27.66
C PRO C 38 -20.27 -6.82 28.76
N ASP C 51 -21.31 -13.94 23.43
CA ASP C 51 -20.40 -13.33 24.39
C ASP C 51 -19.36 -12.38 23.76
N SER C 52 -19.49 -12.13 22.46
CA SER C 52 -18.65 -11.15 21.77
C SER C 52 -19.26 -10.64 20.47
N TYR C 53 -19.00 -9.37 20.18
CA TYR C 53 -19.44 -8.73 18.94
C TYR C 53 -18.25 -8.09 18.25
N VAL C 54 -18.29 -8.05 16.91
CA VAL C 54 -17.19 -7.50 16.11
C VAL C 54 -17.70 -6.45 15.12
N GLY C 55 -16.97 -5.34 15.01
CA GLY C 55 -17.20 -4.34 13.97
C GLY C 55 -18.40 -3.43 14.19
N ASP C 56 -19.19 -3.27 13.14
CA ASP C 56 -20.37 -2.40 13.15
C ASP C 56 -21.39 -2.77 14.22
N GLU C 57 -21.65 -4.08 14.37
CA GLU C 57 -22.61 -4.58 15.36
C GLU C 57 -22.15 -4.33 16.80
N ALA C 58 -20.84 -4.29 17.00
CA ALA C 58 -20.26 -3.95 18.30
C ALA C 58 -20.44 -2.46 18.61
N GLN C 59 -20.36 -1.62 17.57
CA GLN C 59 -20.53 -0.17 17.72
C GLN C 59 -21.98 0.22 18.03
N SER C 60 -22.93 -0.43 17.37
CA SER C 60 -24.35 -0.14 17.58
C SER C 60 -24.85 -0.61 18.95
N LYS C 61 -24.13 -1.55 19.56
CA LYS C 61 -24.48 -2.07 20.87
C LYS C 61 -23.48 -1.66 21.96
N ARG C 62 -22.81 -0.54 21.76
CA ARG C 62 -21.70 -0.13 22.63
C ARG C 62 -22.09 0.25 24.06
N GLY C 63 -23.35 0.65 24.24
CA GLY C 63 -23.86 1.02 25.56
C GLY C 63 -23.91 -0.12 26.56
N ILE C 64 -23.98 -1.35 26.06
CA ILE C 64 -24.08 -2.55 26.90
C ILE C 64 -22.82 -3.43 26.91
N LEU C 65 -21.74 -2.94 26.31
CA LEU C 65 -20.48 -3.69 26.32
C LEU C 65 -19.22 -2.82 26.41
N THR C 66 -18.08 -3.47 26.61
CA THR C 66 -16.80 -2.78 26.60
C THR C 66 -16.06 -3.05 25.29
N LEU C 67 -15.75 -1.99 24.55
CA LEU C 67 -15.11 -2.08 23.25
C LEU C 67 -13.59 -2.01 23.36
N LYS C 68 -12.91 -2.85 22.58
CA LYS C 68 -11.45 -2.85 22.56
C LYS C 68 -10.92 -2.96 21.14
N TYR C 69 -9.81 -2.25 20.89
CA TYR C 69 -9.11 -2.27 19.60
C TYR C 69 -7.88 -3.17 19.72
N PRO C 70 -7.92 -4.37 19.14
CA PRO C 70 -6.81 -5.33 19.25
C PRO C 70 -5.51 -4.88 18.59
N ILE C 71 -5.61 -3.92 17.66
CA ILE C 71 -4.44 -3.38 16.97
C ILE C 71 -4.21 -1.92 17.34
N GLU C 72 -3.04 -1.63 17.90
CA GLU C 72 -2.66 -0.29 18.32
C GLU C 72 -1.41 0.14 17.56
N HIS C 73 -1.52 1.27 16.86
CA HIS C 73 -0.42 1.79 16.02
C HIS C 73 0.10 0.76 15.02
N GLY C 74 -0.81 -0.04 14.45
CA GLY C 74 -0.47 -1.05 13.44
C GLY C 74 0.00 -2.38 13.98
N ILE C 75 0.23 -2.46 15.28
CA ILE C 75 0.74 -3.66 15.93
C ILE C 75 -0.36 -4.35 16.74
N ILE C 76 -0.48 -5.67 16.58
CA ILE C 76 -1.42 -6.48 17.35
C ILE C 76 -0.96 -6.54 18.80
N THR C 77 -1.84 -6.15 19.73
CA THR C 77 -1.51 -6.16 21.17
C THR C 77 -2.45 -7.00 22.03
N ASN C 78 -3.62 -7.34 21.48
CA ASN C 78 -4.55 -8.22 22.17
C ASN C 78 -4.88 -9.43 21.28
N TRP C 79 -4.28 -10.57 21.61
CA TRP C 79 -4.35 -11.76 20.75
C TRP C 79 -5.68 -12.50 20.86
N ASP C 80 -6.28 -12.48 22.05
CA ASP C 80 -7.62 -13.04 22.24
C ASP C 80 -8.64 -12.32 21.36
N ASP C 81 -8.62 -10.99 21.39
CA ASP C 81 -9.50 -10.18 20.56
C ASP C 81 -9.17 -10.28 19.07
N MET C 82 -7.88 -10.44 18.73
CA MET C 82 -7.49 -10.56 17.33
C MET C 82 -8.03 -11.84 16.70
N GLU C 83 -8.02 -12.93 17.47
CA GLU C 83 -8.60 -14.20 17.03
C GLU C 83 -10.08 -14.03 16.67
N LYS C 84 -10.80 -13.22 17.45
CA LYS C 84 -12.22 -12.93 17.19
C LYS C 84 -12.40 -12.13 15.90
N ILE C 85 -11.53 -11.14 15.69
CA ILE C 85 -11.48 -10.40 14.43
C ILE C 85 -11.34 -11.36 13.25
N TRP C 86 -10.37 -12.26 13.33
CA TRP C 86 -10.10 -13.22 12.25
C TRP C 86 -11.25 -14.22 12.05
N HIS C 87 -11.77 -14.75 13.16
CA HIS C 87 -12.94 -15.64 13.08
C HIS C 87 -14.12 -14.97 12.38
N HIS C 88 -14.43 -13.74 12.78
CA HIS C 88 -15.51 -12.93 12.18
C HIS C 88 -15.25 -12.68 10.69
N THR C 89 -14.02 -12.35 10.33
CA THR C 89 -13.61 -12.16 8.94
C THR C 89 -13.92 -13.39 8.08
N PHE C 90 -13.46 -14.56 8.53
CA PHE C 90 -13.66 -15.82 7.78
C PHE C 90 -15.13 -16.21 7.68
N TYR C 91 -15.82 -16.24 8.82
CA TYR C 91 -17.15 -16.86 8.90
C TYR C 91 -18.33 -15.92 8.67
N ASN C 92 -18.21 -14.69 9.17
CA ASN C 92 -19.30 -13.74 9.08
C ASN C 92 -19.21 -12.82 7.86
N GLU C 93 -17.99 -12.49 7.44
CA GLU C 93 -17.79 -11.56 6.33
C GLU C 93 -17.53 -12.24 4.99
N LEU C 94 -16.47 -13.03 4.91
CA LEU C 94 -16.11 -13.73 3.69
C LEU C 94 -16.93 -15.03 3.49
N ARG C 95 -17.42 -15.58 4.59
CA ARG C 95 -18.21 -16.82 4.61
C ARG C 95 -17.44 -17.96 3.94
N VAL C 96 -16.24 -18.21 4.46
CA VAL C 96 -15.37 -19.27 3.96
C VAL C 96 -15.09 -20.27 5.09
N ALA C 97 -14.64 -21.47 4.69
CA ALA C 97 -14.03 -22.39 5.63
C ALA C 97 -12.51 -22.16 5.51
N PRO C 98 -11.91 -21.51 6.51
CA PRO C 98 -10.50 -21.08 6.42
C PRO C 98 -9.53 -22.23 6.15
N GLU C 99 -9.90 -23.44 6.59
CA GLU C 99 -9.10 -24.65 6.34
C GLU C 99 -8.97 -25.00 4.85
N GLU C 100 -9.72 -24.32 4.00
CA GLU C 100 -9.70 -24.60 2.57
C GLU C 100 -8.83 -23.61 1.78
N HIS C 101 -8.45 -22.50 2.41
CA HIS C 101 -7.85 -21.39 1.68
C HIS C 101 -6.49 -20.96 2.21
N PRO C 102 -5.49 -20.89 1.33
CA PRO C 102 -4.23 -20.22 1.64
C PRO C 102 -4.53 -18.77 1.97
N THR C 103 -3.92 -18.26 3.04
CA THR C 103 -4.26 -16.94 3.53
C THR C 103 -3.04 -16.03 3.62
N LEU C 104 -3.09 -14.92 2.89
CA LEU C 104 -2.08 -13.87 2.98
C LEU C 104 -2.51 -12.80 3.99
N LEU C 105 -1.64 -12.54 4.96
CA LEU C 105 -1.85 -11.49 5.94
C LEU C 105 -0.81 -10.39 5.75
N THR C 106 -1.13 -9.19 6.23
CA THR C 106 -0.19 -8.07 6.17
C THR C 106 0.29 -7.69 7.56
N GLU C 107 1.43 -7.02 7.63
CA GLU C 107 1.98 -6.55 8.91
C GLU C 107 2.56 -5.15 8.78
N ALA C 108 2.70 -4.48 9.91
CA ALA C 108 3.26 -3.15 9.98
C ALA C 108 4.78 -3.18 9.74
N PRO C 109 5.36 -2.05 9.32
CA PRO C 109 6.80 -1.92 9.27
C PRO C 109 7.35 -2.09 10.69
N LEU C 110 8.47 -2.80 10.81
CA LEU C 110 9.14 -3.07 12.10
C LEU C 110 8.29 -3.88 13.10
N ASN C 111 7.43 -4.75 12.57
CA ASN C 111 6.63 -5.68 13.38
C ASN C 111 7.55 -6.62 14.16
N PRO C 112 7.45 -6.63 15.49
CA PRO C 112 8.29 -7.48 16.33
C PRO C 112 8.27 -8.95 15.90
N LYS C 113 9.41 -9.62 16.05
CA LYS C 113 9.57 -11.01 15.59
C LYS C 113 8.58 -11.97 16.25
N ALA C 114 8.35 -11.79 17.55
CA ALA C 114 7.41 -12.61 18.31
C ALA C 114 5.97 -12.48 17.77
N ASN C 115 5.58 -11.27 17.38
CA ASN C 115 4.28 -11.03 16.76
C ASN C 115 4.08 -11.81 15.45
N ARG C 116 5.10 -11.80 14.61
CA ARG C 116 5.09 -12.56 13.35
C ARG C 116 4.86 -14.05 13.60
N GLU C 117 5.58 -14.58 14.60
CA GLU C 117 5.48 -15.98 14.99
C GLU C 117 4.09 -16.32 15.51
N LYS C 118 3.54 -15.41 16.31
CA LYS C 118 2.21 -15.56 16.92
C LYS C 118 1.14 -15.63 15.81
N MET C 119 1.21 -14.69 14.88
CA MET C 119 0.34 -14.66 13.71
C MET C 119 0.34 -15.99 12.98
N THR C 120 1.53 -16.54 12.76
CA THR C 120 1.74 -17.82 12.09
C THR C 120 1.13 -18.97 12.88
N GLN C 121 1.39 -18.98 14.18
CA GLN C 121 0.89 -20.02 15.09
C GLN C 121 -0.63 -20.10 15.05
N ILE C 122 -1.28 -18.96 15.25
CA ILE C 122 -2.74 -18.87 15.23
C ILE C 122 -3.36 -19.36 13.90
N MET C 123 -2.81 -18.91 12.78
CA MET C 123 -3.34 -19.31 11.47
C MET C 123 -3.33 -20.82 11.26
N PHE C 124 -2.20 -21.45 11.57
CA PHE C 124 -2.06 -22.90 11.38
C PHE C 124 -2.74 -23.73 12.48
N GLU C 125 -2.65 -23.28 13.73
CA GLU C 125 -3.11 -24.08 14.88
C GLU C 125 -4.57 -23.82 15.27
N THR C 126 -5.03 -22.58 15.13
CA THR C 126 -6.42 -22.23 15.43
C THR C 126 -7.32 -22.44 14.20
N PHE C 127 -6.98 -21.76 13.10
CA PHE C 127 -7.82 -21.74 11.90
C PHE C 127 -7.48 -22.83 10.89
N ASN C 128 -6.38 -23.53 11.15
CA ASN C 128 -5.96 -24.68 10.34
C ASN C 128 -5.86 -24.41 8.83
N VAL C 129 -5.34 -23.25 8.47
CA VAL C 129 -5.14 -22.91 7.06
C VAL C 129 -4.12 -23.88 6.43
N PRO C 130 -4.29 -24.23 5.16
CA PRO C 130 -3.35 -25.11 4.46
C PRO C 130 -2.02 -24.42 4.15
N ALA C 131 -2.04 -23.09 4.10
CA ALA C 131 -0.89 -22.29 3.70
C ALA C 131 -1.08 -20.85 4.17
N MET C 132 0.03 -20.15 4.41
CA MET C 132 -0.02 -18.76 4.79
C MET C 132 1.22 -17.98 4.35
N TYR C 133 1.10 -16.65 4.42
CA TYR C 133 2.20 -15.74 4.11
C TYR C 133 1.94 -14.42 4.82
N VAL C 134 3.00 -13.74 5.23
CA VAL C 134 2.88 -12.41 5.81
C VAL C 134 3.71 -11.42 5.00
N ALA C 135 3.09 -10.31 4.58
CA ALA C 135 3.79 -9.28 3.82
C ALA C 135 3.73 -7.91 4.49
N ILE C 136 4.78 -7.11 4.31
CA ILE C 136 4.80 -5.73 4.79
C ILE C 136 3.81 -4.86 3.99
N GLN C 137 2.97 -4.13 4.71
CA GLN C 137 1.91 -3.31 4.11
C GLN C 137 2.44 -2.28 3.09
N ALA C 138 3.46 -1.51 3.48
CA ALA C 138 4.01 -0.48 2.62
C ALA C 138 4.60 -1.05 1.32
N VAL C 139 5.24 -2.21 1.40
CA VAL C 139 5.79 -2.87 0.21
C VAL C 139 4.68 -3.29 -0.77
N LEU C 140 3.59 -3.84 -0.24
CA LEU C 140 2.41 -4.18 -1.06
C LEU C 140 1.83 -2.97 -1.80
N SER C 141 1.76 -1.82 -1.12
CA SER C 141 1.30 -0.58 -1.77
C SER C 141 2.20 -0.11 -2.92
N LEU C 142 3.52 -0.23 -2.73
CA LEU C 142 4.46 0.13 -3.81
C LEU C 142 4.26 -0.79 -5.02
N TYR C 143 4.15 -2.10 -4.78
CA TYR C 143 3.85 -3.07 -5.84
C TYR C 143 2.56 -2.73 -6.58
N ALA C 144 1.53 -2.33 -5.84
CA ALA C 144 0.24 -1.91 -6.42
C ALA C 144 0.36 -0.70 -7.36
N SER C 145 1.32 0.18 -7.09
CA SER C 145 1.57 1.32 -7.98
C SER C 145 2.49 0.97 -9.16
N GLY C 146 2.83 -0.31 -9.31
CA GLY C 146 3.71 -0.76 -10.40
C GLY C 146 5.17 -0.34 -10.26
N ARG C 147 5.69 -0.43 -9.04
CA ARG C 147 7.04 0.03 -8.69
C ARG C 147 7.78 -0.97 -7.82
N THR C 148 9.10 -1.04 -7.99
CA THR C 148 9.95 -1.84 -7.08
C THR C 148 10.82 -0.96 -6.20
N THR C 149 10.97 0.30 -6.60
CA THR C 149 11.77 1.27 -5.84
C THR C 149 10.97 2.55 -5.59
N GLY C 150 10.95 3.00 -4.34
CA GLY C 150 10.31 4.26 -3.97
C GLY C 150 10.22 4.41 -2.47
N ILE C 151 9.67 5.53 -2.02
CA ILE C 151 9.40 5.72 -0.60
C ILE C 151 7.90 5.88 -0.38
N VAL C 152 7.36 5.03 0.50
CA VAL C 152 5.93 5.03 0.76
C VAL C 152 5.64 5.89 2.00
N LEU C 153 4.62 6.75 1.88
CA LEU C 153 4.02 7.38 3.03
C LEU C 153 2.71 6.65 3.27
N ASP C 154 2.65 5.88 4.36
CA ASP C 154 1.47 5.09 4.71
C ASP C 154 0.86 5.68 5.99
N SER C 155 -0.35 6.21 5.86
CA SER C 155 -1.03 6.88 6.98
C SER C 155 -2.46 6.39 7.06
N GLY C 156 -2.80 5.72 8.16
CA GLY C 156 -4.11 5.11 8.33
C GLY C 156 -4.95 5.79 9.41
N ASP C 157 -5.46 4.99 10.34
CA ASP C 157 -6.27 5.49 11.45
C ASP C 157 -5.44 5.63 12.72
N GLY C 158 -4.41 4.80 12.87
CA GLY C 158 -3.62 4.77 14.10
C GLY C 158 -2.18 5.25 13.97
N VAL C 159 -1.56 5.04 12.82
CA VAL C 159 -0.13 5.30 12.66
C VAL C 159 0.26 5.80 11.25
N THR C 160 1.35 6.55 11.18
CA THR C 160 1.90 7.04 9.92
C THR C 160 3.36 6.55 9.83
N HIS C 161 3.72 5.95 8.69
CA HIS C 161 5.10 5.50 8.43
C HIS C 161 5.64 6.05 7.10
N ASN C 162 6.95 6.31 7.09
CA ASN C 162 7.71 6.48 5.84
C ASN C 162 8.56 5.23 5.64
N VAL C 163 8.41 4.60 4.49
CA VAL C 163 9.10 3.35 4.22
C VAL C 163 9.80 3.40 2.86
N PRO C 164 11.12 3.60 2.89
CA PRO C 164 11.93 3.55 1.68
C PRO C 164 12.22 2.10 1.27
N ILE C 165 12.11 1.83 -0.02
CA ILE C 165 12.15 0.48 -0.56
C ILE C 165 13.03 0.49 -1.81
N TYR C 166 13.95 -0.46 -1.89
CA TYR C 166 14.84 -0.54 -3.04
C TYR C 166 14.85 -1.95 -3.63
N GLU C 167 14.57 -2.03 -4.93
CA GLU C 167 14.50 -3.28 -5.68
C GLU C 167 13.69 -4.37 -4.96
N GLY C 168 12.52 -3.95 -4.45
CA GLY C 168 11.55 -4.87 -3.89
C GLY C 168 11.53 -4.96 -2.38
N TYR C 169 12.55 -4.43 -1.71
CA TYR C 169 12.71 -4.63 -0.27
C TYR C 169 12.91 -3.34 0.54
N ALA C 170 12.14 -3.23 1.61
CA ALA C 170 12.22 -2.10 2.54
C ALA C 170 13.60 -2.02 3.17
N LEU C 171 14.01 -0.79 3.49
CA LEU C 171 15.27 -0.53 4.19
C LEU C 171 14.94 -0.21 5.64
N PRO C 172 15.02 -1.22 6.51
CA PRO C 172 14.56 -1.12 7.90
C PRO C 172 15.17 0.05 8.69
N HIS C 173 16.44 0.32 8.49
CA HIS C 173 17.16 1.36 9.24
C HIS C 173 16.62 2.76 8.95
N ALA C 174 16.02 2.94 7.77
CA ALA C 174 15.56 4.25 7.32
C ALA C 174 14.06 4.49 7.51
N ILE C 175 13.36 3.49 8.04
CA ILE C 175 11.92 3.61 8.31
C ILE C 175 11.64 4.61 9.43
N MET C 176 10.69 5.51 9.19
CA MET C 176 10.25 6.50 10.19
C MET C 176 8.83 6.21 10.63
N ARG C 177 8.59 6.33 11.94
CA ARG C 177 7.27 6.15 12.53
C ARG C 177 6.77 7.45 13.16
N LEU C 178 5.51 7.79 12.88
CA LEU C 178 4.86 8.96 13.44
C LEU C 178 3.52 8.53 14.03
N ASP C 179 3.37 8.66 15.35
CA ASP C 179 2.15 8.22 16.04
C ASP C 179 1.03 9.26 15.99
N LEU C 180 0.70 9.66 14.76
CA LEU C 180 -0.33 10.64 14.49
C LEU C 180 -0.99 10.25 13.18
N ALA C 181 -2.30 9.99 13.23
CA ALA C 181 -3.04 9.56 12.05
C ALA C 181 -4.51 9.99 12.09
N GLY C 182 -5.35 9.28 11.35
CA GLY C 182 -6.77 9.63 11.19
C GLY C 182 -7.54 9.91 12.47
N ARG C 183 -7.35 9.06 13.47
CA ARG C 183 -8.04 9.18 14.76
C ARG C 183 -7.77 10.52 15.45
N ASP C 184 -6.52 10.93 15.45
CA ASP C 184 -6.10 12.21 16.04
C ASP C 184 -6.69 13.39 15.27
N LEU C 185 -6.76 13.27 13.95
CA LEU C 185 -7.31 14.31 13.08
C LEU C 185 -8.82 14.46 13.26
N THR C 186 -9.51 13.34 13.47
CA THR C 186 -10.92 13.34 13.81
C THR C 186 -11.15 14.08 15.13
N ASP C 187 -10.39 13.69 16.17
CA ASP C 187 -10.48 14.33 17.48
C ASP C 187 -10.17 15.84 17.46
N TYR C 188 -9.21 16.23 16.63
CA TYR C 188 -8.83 17.64 16.50
C TYR C 188 -9.93 18.47 15.82
N LEU C 189 -10.53 17.91 14.77
CA LEU C 189 -11.64 18.57 14.06
C LEU C 189 -12.84 18.77 14.99
N MET C 190 -13.03 17.81 15.89
CA MET C 190 -14.05 17.86 16.94
C MET C 190 -13.82 19.09 17.83
N LYS C 191 -12.57 19.28 18.23
CA LYS C 191 -12.15 20.36 19.12
C LYS C 191 -12.30 21.74 18.50
N ILE C 192 -11.90 21.88 17.24
CA ILE C 192 -11.94 23.19 16.57
C ILE C 192 -13.32 23.57 16.02
N LEU C 193 -14.19 22.58 15.83
CA LEU C 193 -15.60 22.81 15.51
C LEU C 193 -16.36 23.29 16.76
N THR C 194 -15.99 22.74 17.90
CA THR C 194 -16.53 23.16 19.20
C THR C 194 -16.09 24.59 19.51
N GLU C 195 -14.85 24.91 19.16
CA GLU C 195 -14.29 26.25 19.34
C GLU C 195 -14.93 27.28 18.41
N ARG C 196 -15.44 26.81 17.26
CA ARG C 196 -16.12 27.65 16.29
C ARG C 196 -17.49 28.13 16.80
N GLY C 197 -18.15 27.29 17.61
CA GLY C 197 -19.45 27.64 18.16
C GLY C 197 -20.38 26.45 18.33
N TYR C 198 -20.04 25.33 17.72
CA TYR C 198 -20.84 24.11 17.83
C TYR C 198 -20.38 23.30 19.03
N SER C 199 -20.94 22.10 19.19
CA SER C 199 -20.51 21.18 20.25
C SER C 199 -20.46 19.74 19.76
N PHE C 200 -19.25 19.28 19.46
CA PHE C 200 -19.02 17.89 19.10
C PHE C 200 -18.10 17.26 20.15
N VAL C 201 -18.67 16.40 20.98
CA VAL C 201 -17.97 15.86 22.16
C VAL C 201 -18.23 14.38 22.43
N THR C 202 -19.45 13.93 22.22
CA THR C 202 -19.84 12.55 22.53
C THR C 202 -19.39 11.55 21.46
N THR C 203 -19.50 10.26 21.77
CA THR C 203 -19.09 9.19 20.87
C THR C 203 -19.95 9.14 19.59
N ALA C 204 -21.20 9.55 19.70
CA ALA C 204 -22.08 9.67 18.53
C ALA C 204 -21.68 10.86 17.66
N GLU C 205 -21.20 11.93 18.31
CA GLU C 205 -20.74 13.13 17.62
C GLU C 205 -19.37 12.93 16.97
N ARG C 206 -18.58 12.00 17.50
CA ARG C 206 -17.30 11.61 16.91
C ARG C 206 -17.49 10.99 15.53
N GLU C 207 -18.51 10.15 15.39
CA GLU C 207 -18.81 9.50 14.12
C GLU C 207 -19.30 10.48 13.06
N ILE C 208 -20.00 11.52 13.49
CA ILE C 208 -20.44 12.59 12.58
C ILE C 208 -19.24 13.38 12.08
N VAL C 209 -18.34 13.73 12.99
CA VAL C 209 -17.15 14.54 12.67
C VAL C 209 -16.22 13.78 11.71
N ARG C 210 -16.12 12.47 11.88
CA ARG C 210 -15.35 11.61 10.99
C ARG C 210 -15.86 11.72 9.55
N ASP C 211 -17.18 11.75 9.39
CA ASP C 211 -17.80 11.91 8.07
C ASP C 211 -17.52 13.31 7.48
N ILE C 212 -17.61 14.35 8.30
CA ILE C 212 -17.27 15.72 7.87
C ILE C 212 -15.82 15.78 7.38
N LYS C 213 -14.92 15.22 8.19
CA LYS C 213 -13.49 15.11 7.85
C LYS C 213 -13.28 14.47 6.47
N GLU C 214 -13.89 13.30 6.27
CA GLU C 214 -13.75 12.54 5.03
C GLU C 214 -14.42 13.20 3.82
N LYS C 215 -15.38 14.10 4.08
CA LYS C 215 -16.16 14.73 3.01
C LYS C 215 -15.75 16.16 2.67
N LEU C 216 -15.33 16.93 3.67
CA LEU C 216 -15.15 18.37 3.48
C LEU C 216 -13.72 18.90 3.65
N CYS C 217 -12.85 18.13 4.30
CA CYS C 217 -11.48 18.58 4.54
C CYS C 217 -10.59 18.51 3.30
N TYR C 218 -9.58 19.38 3.26
CA TYR C 218 -8.58 19.38 2.19
C TYR C 218 -7.27 19.98 2.71
N VAL C 219 -6.18 19.76 1.99
CA VAL C 219 -4.90 20.33 2.35
C VAL C 219 -4.63 21.58 1.52
N ALA C 220 -4.36 22.69 2.21
CA ALA C 220 -4.02 23.95 1.58
C ALA C 220 -2.61 23.91 1.02
N LEU C 221 -2.44 24.40 -0.21
CA LEU C 221 -1.12 24.49 -0.84
C LEU C 221 -0.23 25.46 -0.07
N ASP C 222 -0.83 26.59 0.32
CA ASP C 222 -0.17 27.56 1.19
C ASP C 222 -1.11 27.90 2.34
N PHE C 223 -0.77 27.40 3.54
CA PHE C 223 -1.65 27.47 4.70
C PHE C 223 -1.97 28.89 5.18
N GLU C 224 -0.96 29.74 5.26
CA GLU C 224 -1.14 31.13 5.76
C GLU C 224 -1.95 31.98 4.79
N ASN C 225 -1.73 31.79 3.50
CA ASN C 225 -2.54 32.43 2.48
C ASN C 225 -4.02 32.03 2.62
N GLU C 226 -4.25 30.73 2.81
CA GLU C 226 -5.59 30.17 2.99
C GLU C 226 -6.28 30.68 4.26
N MET C 227 -5.51 30.87 5.32
CA MET C 227 -6.02 31.44 6.56
C MET C 227 -6.42 32.90 6.39
N ALA C 228 -5.75 33.60 5.49
CA ALA C 228 -6.06 34.99 5.17
C ALA C 228 -7.33 35.09 4.30
N THR C 229 -7.45 34.19 3.34
CA THR C 229 -8.63 34.10 2.47
C THR C 229 -9.88 33.73 3.26
N ALA C 230 -9.71 32.88 4.29
CA ALA C 230 -10.81 32.41 5.12
C ALA C 230 -11.40 33.52 6.00
N ALA C 231 -10.55 34.44 6.45
CA ALA C 231 -10.96 35.52 7.36
C ALA C 231 -11.52 36.74 6.63
N SER C 232 -11.23 36.86 5.33
CA SER C 232 -11.65 38.00 4.54
C SER C 232 -12.85 37.68 3.64
N SER C 233 -13.15 36.39 3.48
CA SER C 233 -14.19 35.94 2.56
C SER C 233 -14.93 34.72 3.10
N SER C 234 -16.02 34.34 2.42
CA SER C 234 -16.77 33.14 2.75
C SER C 234 -16.72 32.12 1.60
N SER C 235 -15.80 32.34 0.66
CA SER C 235 -15.67 31.50 -0.54
C SER C 235 -15.20 30.08 -0.26
N LEU C 236 -14.59 29.87 0.91
CA LEU C 236 -14.07 28.56 1.32
C LEU C 236 -14.98 27.83 2.29
N GLU C 237 -16.16 28.40 2.54
CA GLU C 237 -17.12 27.81 3.48
C GLU C 237 -17.99 26.74 2.82
N LYS C 238 -18.36 25.73 3.59
CA LYS C 238 -19.20 24.63 3.11
C LYS C 238 -20.29 24.28 4.12
N SER C 239 -21.43 23.86 3.62
CA SER C 239 -22.55 23.44 4.47
C SER C 239 -22.62 21.92 4.59
N TYR C 240 -22.95 21.44 5.78
CA TYR C 240 -23.09 20.01 6.05
C TYR C 240 -24.38 19.77 6.82
N GLU C 241 -25.18 18.82 6.33
CA GLU C 241 -26.42 18.44 6.99
C GLU C 241 -26.17 17.34 8.02
N LEU C 242 -26.56 17.64 9.26
CA LEU C 242 -26.48 16.67 10.36
C LEU C 242 -27.62 15.65 10.22
N PRO C 243 -27.49 14.48 10.88
CA PRO C 243 -28.54 13.46 10.81
C PRO C 243 -29.89 13.87 11.40
N ASP C 244 -29.89 14.84 12.33
CA ASP C 244 -31.14 15.36 12.90
C ASP C 244 -31.83 16.37 11.99
N GLY C 245 -31.12 16.83 10.96
CA GLY C 245 -31.69 17.76 9.97
C GLY C 245 -31.05 19.13 9.97
N GLN C 246 -30.41 19.49 11.09
CA GLN C 246 -29.73 20.79 11.23
C GLN C 246 -28.56 20.93 10.23
N VAL C 247 -28.37 22.15 9.74
CA VAL C 247 -27.28 22.43 8.79
C VAL C 247 -26.24 23.33 9.45
N ILE C 248 -24.98 22.92 9.37
CA ILE C 248 -23.87 23.69 9.95
C ILE C 248 -22.94 24.21 8.87
N THR C 249 -22.13 25.21 9.21
CA THR C 249 -21.15 25.77 8.28
C THR C 249 -19.73 25.54 8.80
N ILE C 250 -18.90 24.96 7.94
CA ILE C 250 -17.49 24.71 8.24
C ILE C 250 -16.62 25.63 7.38
N GLY C 251 -15.71 26.37 8.01
CA GLY C 251 -14.87 27.34 7.32
C GLY C 251 -13.42 26.91 7.17
N ASN C 252 -12.54 27.55 7.94
CA ASN C 252 -11.10 27.25 7.88
C ASN C 252 -10.73 25.89 8.50
N GLU C 253 -11.66 25.32 9.25
CA GLU C 253 -11.49 23.98 9.84
C GLU C 253 -11.26 22.91 8.77
N ARG C 254 -11.78 23.16 7.56
CA ARG C 254 -11.61 22.26 6.42
C ARG C 254 -10.14 21.94 6.14
N PHE C 255 -9.30 22.97 6.15
CA PHE C 255 -7.87 22.78 5.87
C PHE C 255 -6.99 22.76 7.12
N ARG C 256 -7.47 23.33 8.21
CA ARG C 256 -6.74 23.34 9.48
C ARG C 256 -6.60 21.95 10.08
N CYS C 257 -7.60 21.12 9.85
CA CYS C 257 -7.59 19.74 10.35
C CYS C 257 -6.39 18.94 9.78
N PRO C 258 -6.32 18.72 8.47
CA PRO C 258 -5.19 17.99 7.89
C PRO C 258 -3.84 18.74 7.87
N GLU C 259 -3.84 20.03 8.19
CA GLU C 259 -2.58 20.76 8.35
C GLU C 259 -1.74 20.16 9.49
N THR C 260 -2.43 19.56 10.46
CA THR C 260 -1.81 18.86 11.59
C THR C 260 -0.75 17.83 11.14
N LEU C 261 -0.96 17.24 9.97
CA LEU C 261 0.02 16.28 9.42
C LEU C 261 1.35 16.96 9.14
N PHE C 262 1.29 18.22 8.71
CA PHE C 262 2.48 19.01 8.40
C PHE C 262 2.97 19.80 9.61
N GLN C 263 2.05 20.17 10.49
CA GLN C 263 2.37 20.87 11.74
C GLN C 263 1.76 20.14 12.94
N PRO C 264 2.43 19.10 13.43
CA PRO C 264 1.94 18.31 14.56
C PRO C 264 1.79 19.08 15.88
N SER C 265 2.38 20.27 15.97
CA SER C 265 2.22 21.15 17.14
C SER C 265 0.77 21.57 17.35
N PHE C 266 -0.04 21.47 16.30
CA PHE C 266 -1.47 21.78 16.34
C PHE C 266 -2.21 20.96 17.41
N ILE C 267 -1.70 19.77 17.69
CA ILE C 267 -2.24 18.92 18.75
C ILE C 267 -1.24 18.71 19.89
N GLY C 268 -0.25 19.60 19.97
CA GLY C 268 0.75 19.57 21.04
C GLY C 268 1.83 18.50 20.90
N MET C 269 2.16 18.14 19.66
CA MET C 269 3.21 17.16 19.38
C MET C 269 4.50 17.82 18.89
N GLU C 270 5.63 17.43 19.49
CA GLU C 270 6.93 17.99 19.12
C GLU C 270 7.58 17.29 17.92
N SER C 271 6.84 16.38 17.30
CA SER C 271 7.33 15.62 16.15
C SER C 271 7.39 16.46 14.87
N ALA C 272 8.29 16.07 13.97
CA ALA C 272 8.36 16.67 12.63
C ALA C 272 7.11 16.28 11.83
N GLY C 273 6.73 17.16 10.89
CA GLY C 273 5.61 16.88 9.97
C GLY C 273 5.97 15.84 8.92
N ILE C 274 4.96 15.33 8.21
CA ILE C 274 5.15 14.26 7.24
C ILE C 274 6.10 14.59 6.09
N HIS C 275 6.20 15.86 5.74
CA HIS C 275 7.14 16.32 4.73
C HIS C 275 8.59 16.19 5.22
N GLU C 276 8.83 16.56 6.47
CA GLU C 276 10.15 16.45 7.08
C GLU C 276 10.57 15.01 7.37
N THR C 277 9.64 14.17 7.83
CA THR C 277 9.96 12.75 8.05
C THR C 277 10.30 12.04 6.73
N THR C 278 9.62 12.42 5.65
CA THR C 278 9.91 11.89 4.33
C THR C 278 11.34 12.24 3.90
N TYR C 279 11.69 13.52 4.03
CA TYR C 279 13.05 13.98 3.74
C TYR C 279 14.09 13.25 4.60
N ASN C 280 13.81 13.17 5.91
CA ASN C 280 14.70 12.51 6.87
C ASN C 280 14.95 11.04 6.54
N SER C 281 13.88 10.34 6.17
CA SER C 281 13.96 8.94 5.75
C SER C 281 14.86 8.76 4.52
N ILE C 282 14.62 9.55 3.47
CA ILE C 282 15.45 9.54 2.25
C ILE C 282 16.94 9.77 2.58
N MET C 283 17.20 10.73 3.46
CA MET C 283 18.57 11.12 3.82
C MET C 283 19.31 10.05 4.63
N LYS C 284 18.56 9.11 5.22
CA LYS C 284 19.15 7.97 5.93
C LYS C 284 19.54 6.83 5.01
N CYS C 285 19.09 6.90 3.75
CA CYS C 285 19.38 5.85 2.76
C CYS C 285 20.68 6.13 2.02
N ASP C 286 21.28 5.07 1.47
CA ASP C 286 22.45 5.16 0.60
C ASP C 286 22.27 6.29 -0.41
N ILE C 287 23.28 7.14 -0.51
CA ILE C 287 23.26 8.31 -1.39
C ILE C 287 22.95 7.97 -2.86
N ASP C 288 23.35 6.77 -3.29
CA ASP C 288 23.19 6.35 -4.67
C ASP C 288 21.75 5.97 -5.07
N ILE C 289 20.85 5.86 -4.08
CA ILE C 289 19.45 5.51 -4.38
C ILE C 289 18.47 6.68 -4.14
N ARG C 290 18.96 7.76 -3.56
CA ARG C 290 18.11 8.89 -3.13
C ARG C 290 17.32 9.54 -4.26
N LYS C 291 17.96 9.69 -5.43
CA LYS C 291 17.29 10.22 -6.62
C LYS C 291 16.03 9.41 -6.99
N ASP C 292 16.15 8.09 -6.97
CA ASP C 292 15.03 7.18 -7.24
C ASP C 292 13.90 7.31 -6.21
N LEU C 293 14.28 7.60 -4.97
CA LEU C 293 13.32 7.80 -3.87
C LEU C 293 12.51 9.10 -4.06
N TYR C 294 13.22 10.20 -4.33
CA TYR C 294 12.60 11.51 -4.60
C TYR C 294 11.60 11.47 -5.75
N ALA C 295 11.94 10.69 -6.78
CA ALA C 295 11.11 10.59 -7.98
C ALA C 295 9.95 9.58 -7.83
N ASN C 296 9.89 8.89 -6.69
CA ASN C 296 8.86 7.86 -6.48
C ASN C 296 8.25 7.87 -5.07
N ASN C 297 7.73 9.02 -4.65
CA ASN C 297 7.01 9.15 -3.37
C ASN C 297 5.58 8.66 -3.51
N VAL C 298 5.29 7.47 -2.98
CA VAL C 298 3.96 6.88 -3.13
C VAL C 298 3.14 7.03 -1.85
N MET C 299 1.96 7.62 -1.97
CA MET C 299 1.07 7.76 -0.82
C MET C 299 0.07 6.62 -0.73
N SER C 300 -0.09 6.08 0.48
CA SER C 300 -1.10 5.04 0.76
C SER C 300 -1.82 5.26 2.09
N GLY C 301 -3.03 4.72 2.19
CA GLY C 301 -3.79 4.78 3.43
C GLY C 301 -4.88 5.83 3.41
N GLY C 302 -5.90 5.62 4.25
CA GLY C 302 -7.06 6.52 4.29
C GLY C 302 -6.73 7.96 4.61
N THR C 303 -5.73 8.18 5.46
CA THR C 303 -5.37 9.56 5.87
C THR C 303 -4.60 10.36 4.80
N THR C 304 -4.18 9.71 3.73
CA THR C 304 -3.63 10.44 2.58
C THR C 304 -4.69 10.85 1.55
N MET C 305 -5.96 10.62 1.86
CA MET C 305 -7.06 10.86 0.89
C MET C 305 -7.52 12.31 0.73
N TYR C 306 -7.03 13.21 1.58
CA TYR C 306 -7.38 14.63 1.50
C TYR C 306 -7.02 15.24 0.14
N PRO C 307 -7.98 15.89 -0.51
CA PRO C 307 -7.69 16.65 -1.72
C PRO C 307 -6.54 17.64 -1.46
N GLY C 308 -5.66 17.81 -2.44
CA GLY C 308 -4.53 18.72 -2.33
C GLY C 308 -3.29 18.24 -1.59
N ILE C 309 -3.35 17.06 -0.97
CA ILE C 309 -2.21 16.53 -0.22
C ILE C 309 -0.96 16.29 -1.08
N ALA C 310 -1.16 15.78 -2.30
CA ALA C 310 -0.06 15.49 -3.22
C ALA C 310 0.63 16.77 -3.70
N ASP C 311 -0.17 17.78 -4.05
CA ASP C 311 0.36 19.07 -4.49
C ASP C 311 1.15 19.76 -3.39
N ARG C 312 0.68 19.65 -2.16
CA ARG C 312 1.37 20.22 -1.00
C ARG C 312 2.67 19.48 -0.68
N MET C 313 2.66 18.15 -0.75
CA MET C 313 3.88 17.36 -0.55
C MET C 313 4.94 17.65 -1.60
N GLN C 314 4.50 17.78 -2.86
CA GLN C 314 5.38 18.16 -3.96
C GLN C 314 6.08 19.48 -3.66
N LYS C 315 5.30 20.46 -3.21
CA LYS C 315 5.79 21.78 -2.81
C LYS C 315 6.79 21.69 -1.65
N GLU C 316 6.41 20.95 -0.59
CA GLU C 316 7.24 20.87 0.60
C GLU C 316 8.57 20.12 0.41
N ILE C 317 8.54 19.01 -0.32
CA ILE C 317 9.77 18.25 -0.61
C ILE C 317 10.71 19.04 -1.52
N THR C 318 10.13 19.77 -2.48
CA THR C 318 10.87 20.67 -3.35
C THR C 318 11.65 21.72 -2.56
N ALA C 319 11.03 22.24 -1.50
CA ALA C 319 11.67 23.23 -0.63
C ALA C 319 12.80 22.63 0.20
N LEU C 320 12.71 21.32 0.48
CA LEU C 320 13.71 20.63 1.30
C LEU C 320 14.91 20.09 0.50
N ALA C 321 14.66 19.68 -0.74
CA ALA C 321 15.67 19.02 -1.58
C ALA C 321 16.50 20.04 -2.37
N PRO C 322 17.68 19.64 -2.85
CA PRO C 322 18.43 20.45 -3.83
C PRO C 322 17.52 20.87 -4.99
N SER C 323 17.69 22.10 -5.47
CA SER C 323 16.77 22.69 -6.45
C SER C 323 16.66 21.93 -7.77
N THR C 324 17.69 21.14 -8.11
CA THR C 324 17.70 20.39 -9.36
C THR C 324 17.12 18.97 -9.25
N MET C 325 16.68 18.60 -8.05
CA MET C 325 16.15 17.25 -7.80
C MET C 325 14.78 17.03 -8.45
N LYS C 326 14.65 15.96 -9.23
CA LYS C 326 13.36 15.58 -9.81
C LYS C 326 12.51 14.91 -8.74
N ILE C 327 11.38 15.54 -8.43
CA ILE C 327 10.47 15.08 -7.38
C ILE C 327 9.10 14.76 -7.95
N LYS C 328 8.57 13.60 -7.58
CA LYS C 328 7.24 13.18 -7.99
C LYS C 328 6.49 12.51 -6.84
N ILE C 329 5.28 13.00 -6.58
CA ILE C 329 4.38 12.41 -5.59
C ILE C 329 3.33 11.60 -6.33
N ILE C 330 3.14 10.35 -5.94
CA ILE C 330 2.15 9.49 -6.58
C ILE C 330 1.04 9.17 -5.58
N ALA C 331 -0.18 9.58 -5.92
CA ALA C 331 -1.31 9.39 -5.03
C ALA C 331 -2.47 8.77 -5.81
N PRO C 332 -2.49 7.45 -5.90
CA PRO C 332 -3.51 6.72 -6.64
C PRO C 332 -4.91 6.94 -6.02
N PRO C 333 -5.95 7.06 -6.85
CA PRO C 333 -7.31 7.25 -6.34
C PRO C 333 -7.74 6.13 -5.38
N GLU C 334 -7.22 4.93 -5.62
CA GLU C 334 -7.59 3.73 -4.85
C GLU C 334 -6.73 3.48 -3.61
N ARG C 335 -5.97 4.50 -3.19
CA ARG C 335 -4.94 4.33 -2.15
C ARG C 335 -5.44 3.97 -0.74
N LYS C 336 -6.74 4.09 -0.49
CA LYS C 336 -7.39 3.50 0.69
C LYS C 336 -7.21 1.98 0.75
N TYR C 337 -7.11 1.35 -0.43
CA TYR C 337 -7.04 -0.11 -0.53
C TYR C 337 -5.77 -0.63 -1.22
N SER C 338 -4.80 0.25 -1.44
CA SER C 338 -3.53 -0.11 -2.09
C SER C 338 -2.84 -1.31 -1.48
N VAL C 339 -2.74 -1.33 -0.15
CA VAL C 339 -2.12 -2.46 0.57
C VAL C 339 -2.85 -3.76 0.22
N TRP C 340 -4.17 -3.74 0.33
CA TRP C 340 -4.98 -4.93 0.00
C TRP C 340 -4.79 -5.36 -1.47
N ILE C 341 -4.81 -4.40 -2.39
CA ILE C 341 -4.71 -4.70 -3.83
C ILE C 341 -3.35 -5.33 -4.20
N GLY C 342 -2.29 -4.81 -3.61
CA GLY C 342 -0.95 -5.37 -3.76
C GLY C 342 -0.91 -6.82 -3.32
N GLY C 343 -1.51 -7.10 -2.16
CA GLY C 343 -1.65 -8.48 -1.65
C GLY C 343 -2.43 -9.37 -2.60
N SER C 344 -3.52 -8.85 -3.17
CA SER C 344 -4.33 -9.60 -4.13
C SER C 344 -3.51 -10.00 -5.36
N ILE C 345 -2.72 -9.07 -5.87
CA ILE C 345 -1.87 -9.31 -7.05
C ILE C 345 -0.80 -10.35 -6.74
N LEU C 346 -0.08 -10.14 -5.64
CA LEU C 346 1.01 -11.02 -5.22
C LEU C 346 0.55 -12.47 -5.06
N ALA C 347 -0.54 -12.67 -4.31
CA ALA C 347 -1.09 -14.00 -4.07
C ALA C 347 -1.63 -14.70 -5.32
N SER C 348 -1.88 -13.92 -6.38
CA SER C 348 -2.44 -14.47 -7.63
C SER C 348 -1.38 -14.94 -8.64
N LEU C 349 -0.13 -14.54 -8.43
CA LEU C 349 0.96 -14.83 -9.38
C LEU C 349 1.28 -16.32 -9.48
N SER C 350 1.52 -16.79 -10.70
CA SER C 350 1.90 -18.19 -10.96
C SER C 350 3.13 -18.57 -10.13
N THR C 351 4.04 -17.62 -9.97
CA THR C 351 5.29 -17.81 -9.23
C THR C 351 5.12 -17.81 -7.71
N PHE C 352 3.95 -17.44 -7.21
CA PHE C 352 3.75 -17.34 -5.75
C PHE C 352 3.43 -18.69 -5.09
N GLN C 353 3.02 -19.66 -5.90
CA GLN C 353 2.61 -20.99 -5.42
C GLN C 353 3.59 -21.64 -4.45
N GLN C 354 4.90 -21.56 -4.74
CA GLN C 354 5.89 -22.18 -3.87
C GLN C 354 6.42 -21.26 -2.75
N MET C 355 5.89 -20.04 -2.70
CA MET C 355 6.36 -19.04 -1.73
C MET C 355 5.58 -19.09 -0.41
N TRP C 356 4.38 -19.64 -0.45
CA TRP C 356 3.56 -19.90 0.75
C TRP C 356 4.31 -20.75 1.77
N ILE C 357 4.07 -20.48 3.05
CA ILE C 357 4.43 -21.42 4.11
C ILE C 357 3.32 -22.46 4.16
N THR C 358 3.64 -23.74 3.96
CA THR C 358 2.63 -24.79 4.02
C THR C 358 2.45 -25.34 5.43
N LYS C 359 1.32 -26.01 5.67
CA LYS C 359 1.06 -26.68 6.93
C LYS C 359 2.18 -27.67 7.27
N GLN C 360 2.61 -28.43 6.27
CA GLN C 360 3.73 -29.37 6.39
C GLN C 360 5.02 -28.69 6.87
N GLU C 361 5.40 -27.60 6.21
CA GLU C 361 6.57 -26.81 6.59
C GLU C 361 6.48 -26.25 8.01
N TYR C 362 5.28 -25.83 8.40
CA TYR C 362 5.03 -25.36 9.75
C TYR C 362 5.16 -26.50 10.78
N ASP C 363 4.65 -27.67 10.43
CA ASP C 363 4.75 -28.83 11.34
C ASP C 363 6.20 -29.25 11.56
N GLU C 364 6.99 -29.19 10.49
CA GLU C 364 8.42 -29.52 10.55
C GLU C 364 9.23 -28.48 11.33
N ALA C 365 9.02 -27.20 11.02
CA ALA C 365 9.89 -26.13 11.52
C ALA C 365 9.33 -25.28 12.67
N GLY C 366 8.01 -25.28 12.84
CA GLY C 366 7.37 -24.43 13.84
C GLY C 366 7.25 -22.98 13.38
N PRO C 367 6.81 -22.10 14.27
CA PRO C 367 6.53 -20.69 13.94
C PRO C 367 7.71 -19.86 13.41
N SER C 368 8.95 -20.25 13.72
CA SER C 368 10.14 -19.51 13.29
C SER C 368 10.37 -19.54 11.77
N ILE C 369 9.69 -20.45 11.07
CA ILE C 369 9.72 -20.54 9.61
C ILE C 369 9.37 -19.20 8.93
N VAL C 370 8.56 -18.38 9.59
CA VAL C 370 8.10 -17.10 9.03
C VAL C 370 9.25 -16.12 8.78
N HIS C 371 10.32 -16.23 9.58
CA HIS C 371 11.49 -15.37 9.43
C HIS C 371 12.37 -15.75 8.25
N ARG C 372 12.16 -16.95 7.71
CA ARG C 372 12.96 -17.45 6.60
C ARG C 372 12.20 -17.42 5.29
N LYS C 373 10.88 -17.54 5.37
CA LYS C 373 10.02 -17.55 4.18
C LYS C 373 9.43 -16.18 3.86
N CYS C 374 9.32 -15.30 4.87
CA CYS C 374 8.67 -14.00 4.71
C CYS C 374 9.52 -12.83 5.20
N PHE C 375 10.08 -12.06 4.27
CA PHE C 375 10.84 -10.84 4.61
C PHE C 375 9.92 -9.72 5.10
CA CA D . 19.47 -6.43 -7.98
CA CA E . -3.84 -5.60 -20.89
CA CA F . -3.02 0.04 7.46
PG ATP G . -3.32 1.98 10.42
O1G ATP G . -3.08 0.79 11.32
O2G ATP G . -3.03 3.29 11.06
O3G ATP G . -2.81 1.83 9.01
PB ATP G . -5.90 1.47 9.14
O1B ATP G . -7.15 0.98 9.85
O2B ATP G . -5.17 0.50 8.25
O3B ATP G . -4.94 2.06 10.30
PA ATP G . -6.85 2.93 6.82
O1A ATP G . -5.72 3.09 5.81
O2A ATP G . -7.84 1.81 6.61
O3A ATP G . -6.26 2.80 8.32
O5' ATP G . -7.62 4.34 6.90
C5' ATP G . -8.59 4.66 7.93
C4' ATP G . -8.53 6.15 8.29
O4' ATP G . -8.58 6.96 7.11
C3' ATP G . -9.70 6.63 9.16
O3' ATP G . -9.18 7.50 10.17
C2' ATP G . -10.59 7.41 8.22
O2' ATP G . -11.32 8.47 8.87
C1' ATP G . -9.58 7.97 7.22
N9 ATP G . -10.19 8.30 5.92
C8 ATP G . -10.88 7.47 5.11
N7 ATP G . -11.28 8.10 3.98
C5 ATP G . -10.84 9.37 4.06
C6 ATP G . -10.92 10.59 3.21
N6 ATP G . -11.56 10.57 2.01
N1 ATP G . -10.31 11.71 3.65
C2 ATP G . -9.66 11.75 4.84
N3 ATP G . -9.56 10.69 5.65
C4 ATP G . -10.12 9.50 5.32
#